data_4MNW
#
_entry.id   4MNW
#
_cell.length_a   52.570
_cell.length_b   53.960
_cell.length_c   80.170
_cell.angle_alpha   90.00
_cell.angle_beta   90.00
_cell.angle_gamma   90.00
#
_symmetry.space_group_name_H-M   'P 21 21 21'
#
loop_
_entity.id
_entity.type
_entity.pdbx_description
1 polymer 'Urokinase-type plasminogen activator chain B'
2 polymer 'bicyclic peptide UK749'
3 non-polymer 'SULFATE ION'
4 non-polymer GLYCEROL
5 non-polymer 'ACETATE ION'
6 non-polymer 1,3,5-tris(bromomethyl)benzene
7 water water
#
loop_
_entity_poly.entity_id
_entity_poly.type
_entity_poly.pdbx_seq_one_letter_code
_entity_poly.pdbx_strand_id
1 'polypeptide(L)'
;IIGGEFTTIENQPWFAAIYRRHRGGSVTYVCGGSLISPCWVISATHCFIDYPKKEDYIVYLGRSRLNSNTQGEMKFEVEN
LILHKDYSADTLAHHNDIALLKIRSKEGRCAQPSRTIQTIALPSMYNDPQFGTSCEITGFGKEQSTDYLYPEQLKMTVVK
LISHRECQQPHYYGSEVTTKMLCAADPQWKTDSCQGDSGGPLVCSLQGRMTLTGIVSWGRGCALKDKPGVYTRVSHFLPW
IRSHT
;
A
2 'polypeptide(L)' QCWDRGCENRKCN(NH2) B
#
# COMPACT_ATOMS: atom_id res chain seq x y z
N ILE A 1 9.95 -4.28 1.83
CA ILE A 1 10.79 -3.06 1.91
C ILE A 1 12.26 -3.44 1.84
N ILE A 2 12.95 -2.89 0.83
CA ILE A 2 14.40 -3.05 0.69
C ILE A 2 15.07 -2.02 1.59
N GLY A 3 16.03 -2.44 2.40
CA GLY A 3 16.67 -1.53 3.34
C GLY A 3 15.70 -1.09 4.42
N GLY A 4 15.89 0.12 4.93
CA GLY A 4 15.07 0.64 6.01
C GLY A 4 15.29 -0.11 7.32
N GLU A 5 14.26 -0.08 8.17
CA GLU A 5 14.35 -0.67 9.49
C GLU A 5 13.10 -1.45 9.82
N PHE A 6 13.25 -2.43 10.71
CA PHE A 6 12.09 -3.10 11.26
C PHE A 6 11.35 -2.12 12.15
N THR A 7 10.07 -2.37 12.34
CA THR A 7 9.21 -1.45 13.11
C THR A 7 8.18 -2.26 13.86
N THR A 8 7.33 -1.56 14.60
CA THR A 8 6.27 -2.19 15.37
C THR A 8 4.99 -1.42 15.06
N ILE A 9 3.85 -2.08 15.23
CA ILE A 9 2.59 -1.49 14.79
C ILE A 9 2.23 -0.21 15.56
N GLU A 10 2.69 -0.06 16.79
CA GLU A 10 2.41 1.17 17.55
C GLU A 10 3.03 2.42 16.89
N ASN A 11 4.03 2.20 16.03
CA ASN A 11 4.64 3.28 15.25
C ASN A 11 3.94 3.53 13.91
N GLN A 12 3.13 2.57 13.47
CA GLN A 12 2.40 2.65 12.19
C GLN A 12 0.95 2.18 12.41
N PRO A 13 0.21 2.81 13.34
CA PRO A 13 -1.03 2.19 13.83
C PRO A 13 -2.20 2.17 12.83
N TRP A 14 -2.04 2.83 11.69
CA TRP A 14 -3.00 2.83 10.59
C TRP A 14 -2.75 1.67 9.63
N PHE A 15 -1.64 0.96 9.80
CA PHE A 15 -1.29 -0.09 8.83
C PHE A 15 -2.18 -1.32 8.95
N ALA A 16 -2.76 -1.73 7.81
CA ALA A 16 -3.62 -2.91 7.72
C ALA A 16 -2.92 -4.03 6.97
N ALA A 17 -2.94 -5.24 7.54
CA ALA A 17 -2.35 -6.41 6.93
C ALA A 17 -3.45 -7.25 6.30
N ILE A 18 -3.37 -7.49 4.99
CA ILE A 18 -4.44 -8.14 4.25
C ILE A 18 -3.97 -9.50 3.76
N TYR A 19 -4.73 -10.55 4.12
CA TYR A 19 -4.41 -11.93 3.77
C TYR A 19 -5.53 -12.55 2.94
N ARG A 20 -5.22 -13.65 2.27
CA ARG A 20 -6.22 -14.42 1.53
C ARG A 20 -6.25 -15.86 2.04
N ARG A 21 -7.46 -16.35 2.32
CA ARG A 21 -7.66 -17.74 2.71
C ARG A 21 -7.86 -18.56 1.45
N HIS A 22 -7.19 -19.71 1.38
CA HIS A 22 -7.30 -20.61 0.25
C HIS A 22 -8.12 -21.82 0.65
N ARG A 23 -8.70 -22.51 -0.33
CA ARG A 23 -9.41 -23.75 0.00
C ARG A 23 -8.39 -24.77 0.47
N GLY A 24 -8.71 -25.43 1.58
CA GLY A 24 -7.77 -26.28 2.29
C GLY A 24 -7.44 -25.70 3.65
N GLY A 25 -7.54 -24.38 3.77
CA GLY A 25 -7.38 -23.69 5.06
C GLY A 25 -6.18 -22.76 5.13
N SER A 26 -5.26 -22.87 4.18
CA SER A 26 -4.04 -22.07 4.21
C SER A 26 -4.35 -20.59 3.98
N VAL A 27 -3.62 -19.75 4.68
CA VAL A 27 -3.75 -18.30 4.59
C VAL A 27 -2.41 -17.73 4.16
N THR A 28 -2.43 -16.83 3.18
CA THR A 28 -1.22 -16.21 2.66
C THR A 28 -1.37 -14.70 2.66
N TYR A 29 -0.26 -13.99 2.86
CA TYR A 29 -0.27 -12.54 2.82
C TYR A 29 -0.44 -12.03 1.39
N VAL A 30 -1.29 -11.01 1.24
CA VAL A 30 -1.58 -10.43 -0.07
C VAL A 30 -0.91 -9.07 -0.22
N CYS A 31 -1.32 -8.11 0.60
CA CYS A 31 -0.92 -6.72 0.42
C CYS A 31 -1.17 -5.95 1.71
N GLY A 32 -0.61 -4.75 1.77
CA GLY A 32 -0.92 -3.83 2.84
C GLY A 32 -2.09 -2.94 2.52
N GLY A 33 -2.49 -2.16 3.52
CA GLY A 33 -3.56 -1.18 3.39
C GLY A 33 -3.44 -0.17 4.51
N SER A 34 -4.33 0.82 4.49
CA SER A 34 -4.33 1.87 5.52
C SER A 34 -5.75 2.11 6.01
N LEU A 35 -5.89 2.24 7.33
CA LEU A 35 -7.17 2.52 7.95
C LEU A 35 -7.47 4.02 7.84
N ILE A 36 -8.48 4.38 7.05
CA ILE A 36 -8.82 5.81 6.86
C ILE A 36 -10.06 6.25 7.65
N SER A 37 -10.84 5.28 8.11
CA SER A 37 -11.91 5.49 9.07
C SER A 37 -12.16 4.15 9.75
N PRO A 38 -12.90 4.13 10.87
CA PRO A 38 -13.02 2.87 11.60
C PRO A 38 -13.48 1.68 10.77
N CYS A 39 -14.32 1.90 9.76
CA CYS A 39 -14.85 0.80 8.95
C CYS A 39 -14.19 0.62 7.59
N TRP A 40 -13.21 1.47 7.24
CA TRP A 40 -12.69 1.49 5.87
C TRP A 40 -11.17 1.44 5.81
N VAL A 41 -10.68 0.46 5.05
CA VAL A 41 -9.26 0.32 4.73
C VAL A 41 -9.09 0.63 3.24
N ILE A 42 -8.08 1.43 2.91
CA ILE A 42 -7.77 1.75 1.53
C ILE A 42 -6.50 0.99 1.09
N SER A 43 -6.52 0.47 -0.13
CA SER A 43 -5.43 -0.35 -0.65
C SER A 43 -5.35 -0.17 -2.17
N ALA A 44 -4.78 -1.14 -2.86
CA ALA A 44 -4.57 -1.08 -4.31
C ALA A 44 -5.42 -2.15 -5.00
N THR A 45 -6.09 -1.76 -6.09
CA THR A 45 -6.93 -2.70 -6.83
C THR A 45 -6.17 -3.90 -7.38
N HIS A 46 -4.91 -3.71 -7.77
CA HIS A 46 -4.18 -4.83 -8.39
C HIS A 46 -4.00 -6.00 -7.43
N CYS A 47 -4.06 -5.73 -6.13
CA CYS A 47 -3.96 -6.75 -5.10
C CYS A 47 -5.13 -7.75 -5.12
N PHE A 48 -6.25 -7.34 -5.70
CA PHE A 48 -7.50 -8.12 -5.62
C PHE A 48 -8.11 -8.49 -6.98
N ILE A 49 -7.68 -7.84 -8.04
CA ILE A 49 -8.37 -7.92 -9.34
C ILE A 49 -8.51 -9.35 -9.87
N ASP A 50 -7.50 -10.19 -9.64
CA ASP A 50 -7.56 -11.59 -10.11
C ASP A 50 -8.36 -12.52 -9.20
N TYR A 51 -8.65 -12.07 -7.98
CA TYR A 51 -9.43 -12.84 -7.01
C TYR A 51 -10.42 -11.90 -6.31
N PRO A 52 -11.41 -11.38 -7.06
CA PRO A 52 -12.27 -10.30 -6.56
C PRO A 52 -13.46 -10.78 -5.72
N LYS A 53 -13.20 -11.72 -4.82
CA LYS A 53 -14.23 -12.34 -4.00
C LYS A 53 -13.97 -11.93 -2.55
N LYS A 54 -14.84 -11.09 -2.01
CA LYS A 54 -14.58 -10.48 -0.70
C LYS A 54 -14.44 -11.52 0.41
N GLU A 55 -15.14 -12.64 0.28
CA GLU A 55 -15.10 -13.70 1.30
C GLU A 55 -13.71 -14.32 1.44
N ASP A 56 -12.87 -14.18 0.41
CA ASP A 56 -11.49 -14.69 0.42
C ASP A 56 -10.58 -14.01 1.45
N TYR A 57 -10.92 -12.79 1.85
CA TYR A 57 -9.94 -11.92 2.52
C TYR A 57 -10.13 -11.77 4.02
N ILE A 58 -8.98 -11.63 4.69
CA ILE A 58 -8.90 -11.38 6.12
C ILE A 58 -8.06 -10.12 6.29
N VAL A 59 -8.53 -9.20 7.11
CA VAL A 59 -7.78 -7.97 7.40
C VAL A 59 -7.46 -7.90 8.88
N TYR A 60 -6.19 -7.63 9.20
CA TYR A 60 -5.79 -7.39 10.57
C TYR A 60 -5.40 -5.93 10.76
N LEU A 61 -5.78 -5.39 11.92
CA LEU A 61 -5.28 -4.13 12.43
C LEU A 61 -4.55 -4.42 13.73
N GLY A 62 -3.59 -3.57 14.08
CA GLY A 62 -2.83 -3.74 15.31
C GLY A 62 -1.89 -4.93 15.30
N ARG A 63 -1.49 -5.36 14.10
CA ARG A 63 -0.61 -6.53 13.93
C ARG A 63 0.79 -6.13 13.45
N SER A 64 1.81 -6.53 14.20
CA SER A 64 3.21 -6.21 13.88
C SER A 64 3.95 -7.32 13.15
N ARG A 65 3.42 -8.54 13.19
CA ARG A 65 4.12 -9.72 12.69
C ARG A 65 3.26 -10.51 11.72
N LEU A 66 3.89 -11.13 10.74
CA LEU A 66 3.20 -11.78 9.65
C LEU A 66 2.44 -13.04 10.07
N ASN A 67 3.05 -13.84 10.94
CA ASN A 67 2.46 -15.10 11.36
C ASN A 67 2.46 -15.22 12.87
N SER A 68 2.03 -14.17 13.55
CA SER A 68 1.94 -14.20 15.00
C SER A 68 0.89 -13.21 15.48
N ASN A 69 0.30 -13.51 16.62
CA ASN A 69 -0.71 -12.64 17.20
C ASN A 69 -0.09 -11.55 18.05
N THR A 70 -0.29 -10.31 17.64
CA THR A 70 0.11 -9.14 18.41
C THR A 70 -0.96 -8.84 19.45
N GLN A 71 -0.54 -8.56 20.68
CA GLN A 71 -1.46 -8.18 21.74
C GLN A 71 -2.23 -6.93 21.33
N GLY A 72 -3.56 -7.01 21.37
CA GLY A 72 -4.41 -5.88 21.01
C GLY A 72 -4.86 -5.87 19.55
N GLU A 73 -4.37 -6.83 18.75
CA GLU A 73 -4.75 -6.88 17.33
C GLU A 73 -6.25 -7.17 17.17
N MET A 74 -6.82 -6.72 16.06
CA MET A 74 -8.22 -6.96 15.72
C MET A 74 -8.28 -7.61 14.34
N LYS A 75 -9.09 -8.66 14.22
CA LYS A 75 -9.26 -9.41 12.99
C LYS A 75 -10.62 -9.07 12.36
N PHE A 76 -10.63 -8.87 11.05
CA PHE A 76 -11.84 -8.45 10.32
C PHE A 76 -12.06 -9.26 9.07
N GLU A 77 -13.33 -9.36 8.68
CA GLU A 77 -13.70 -9.81 7.35
C GLU A 77 -14.04 -8.59 6.52
N VAL A 78 -14.18 -8.80 5.22
CA VAL A 78 -14.46 -7.73 4.28
C VAL A 78 -15.95 -7.78 3.92
N GLU A 79 -16.66 -6.73 4.31
CA GLU A 79 -18.09 -6.63 4.08
C GLU A 79 -18.37 -6.12 2.67
N ASN A 80 -17.49 -5.25 2.17
CA ASN A 80 -17.57 -4.73 0.81
CA ASN A 80 -17.55 -4.71 0.80
C ASN A 80 -16.15 -4.54 0.20
N LEU A 81 -15.87 -5.18 -0.94
CA LEU A 81 -14.62 -4.96 -1.64
C LEU A 81 -14.93 -4.09 -2.86
N ILE A 82 -14.42 -2.87 -2.84
CA ILE A 82 -14.70 -1.89 -3.90
C ILE A 82 -13.43 -1.66 -4.70
N LEU A 83 -13.44 -2.13 -5.94
CA LEU A 83 -12.32 -1.93 -6.87
C LEU A 83 -12.66 -0.79 -7.81
N HIS A 84 -11.63 -0.06 -8.25
CA HIS A 84 -11.84 1.04 -9.17
C HIS A 84 -12.19 0.49 -10.55
N LYS A 85 -13.32 0.95 -11.08
CA LYS A 85 -13.88 0.47 -12.36
C LYS A 85 -12.95 0.57 -13.57
N ASP A 86 -12.16 1.63 -13.60
CA ASP A 86 -11.28 1.91 -14.74
C ASP A 86 -9.83 1.45 -14.48
N TYR A 87 -9.68 0.35 -13.74
CA TYR A 87 -8.35 -0.18 -13.48
C TYR A 87 -7.77 -0.80 -14.75
N SER A 88 -6.49 -0.54 -14.99
CA SER A 88 -5.75 -1.23 -16.03
C SER A 88 -4.27 -1.24 -15.69
N ALA A 89 -3.54 -2.20 -16.27
CA ALA A 89 -2.10 -2.28 -16.06
C ALA A 89 -1.39 -2.46 -17.39
N ASP A 90 -0.41 -1.59 -17.62
CA ASP A 90 0.50 -1.70 -18.76
C ASP A 90 1.69 -2.56 -18.32
N THR A 91 2.75 -2.60 -19.12
CA THR A 91 3.95 -3.38 -18.79
C THR A 91 4.47 -3.06 -17.39
N LEU A 92 4.50 -1.77 -17.06
CA LEU A 92 4.90 -1.31 -15.73
C LEU A 92 3.77 -0.57 -15.02
N ALA A 93 3.18 0.41 -15.70
CA ALA A 93 2.28 1.35 -15.03
C ALA A 93 0.93 0.74 -14.72
N HIS A 94 0.42 1.02 -13.52
CA HIS A 94 -0.95 0.68 -13.16
C HIS A 94 -1.76 1.95 -13.16
N HIS A 95 -3.01 1.83 -13.52
CA HIS A 95 -3.90 2.98 -13.63
C HIS A 95 -5.10 2.79 -12.74
N ASN A 96 -5.46 3.84 -12.00
CA ASN A 96 -6.59 3.82 -11.07
C ASN A 96 -6.43 2.68 -10.08
N ASP A 97 -5.21 2.59 -9.55
CA ASP A 97 -4.83 1.48 -8.68
C ASP A 97 -5.15 1.85 -7.23
N ILE A 98 -6.42 1.69 -6.90
CA ILE A 98 -6.96 2.14 -5.62
C ILE A 98 -8.20 1.30 -5.31
N ALA A 99 -8.32 0.84 -4.07
CA ALA A 99 -9.42 -0.02 -3.66
C ALA A 99 -9.81 0.28 -2.24
N LEU A 100 -11.08 0.05 -1.92
CA LEU A 100 -11.60 0.21 -0.58
C LEU A 100 -12.14 -1.11 -0.06
N LEU A 101 -11.85 -1.39 1.21
CA LEU A 101 -12.34 -2.57 1.90
C LEU A 101 -13.11 -2.12 3.12
N LYS A 102 -14.41 -2.40 3.14
CA LYS A 102 -15.23 -2.13 4.32
C LYS A 102 -15.03 -3.32 5.24
N ILE A 103 -14.55 -3.05 6.45
CA ILE A 103 -14.16 -4.13 7.37
C ILE A 103 -15.20 -4.31 8.47
N ARG A 104 -15.34 -5.54 8.91
CA ARG A 104 -16.34 -5.90 9.89
C ARG A 104 -15.84 -7.11 10.68
N SER A 105 -15.85 -7.02 12.01
CA SER A 105 -15.48 -8.14 12.87
C SER A 105 -16.59 -9.18 12.80
N LYS A 106 -16.34 -10.38 13.34
CA LYS A 106 -17.40 -11.40 13.38
C LYS A 106 -18.64 -10.94 14.17
N GLU A 107 -18.45 -10.00 15.09
CA GLU A 107 -19.56 -9.41 15.86
C GLU A 107 -20.25 -8.24 15.16
N GLY A 108 -19.72 -7.83 14.01
CA GLY A 108 -20.33 -6.77 13.21
C GLY A 108 -19.78 -5.38 13.51
N ARG A 109 -18.67 -5.30 14.22
CA ARG A 109 -18.10 -4.02 14.62
C ARG A 109 -16.94 -3.59 13.74
N CYS A 110 -16.70 -2.29 13.71
CA CYS A 110 -15.58 -1.70 13.00
C CYS A 110 -14.38 -1.58 13.95
N ALA A 111 -13.31 -0.91 13.50
CA ALA A 111 -12.11 -0.75 14.31
C ALA A 111 -12.38 0.05 15.58
N GLN A 112 -11.72 -0.34 16.66
CA GLN A 112 -11.76 0.37 17.93
C GLN A 112 -10.41 1.05 18.14
N PRO A 113 -10.39 2.39 18.26
CA PRO A 113 -9.09 3.05 18.42
C PRO A 113 -8.32 2.62 19.67
N SER A 114 -7.00 2.53 19.54
CA SER A 114 -6.12 2.15 20.65
C SER A 114 -4.70 2.65 20.37
N ARG A 115 -3.77 2.31 21.25
CA ARG A 115 -2.35 2.63 21.05
C ARG A 115 -1.81 2.07 19.72
N THR A 116 -2.37 0.95 19.30
CA THR A 116 -1.89 0.22 18.12
C THR A 116 -2.85 0.23 16.92
N ILE A 117 -4.01 0.87 17.08
CA ILE A 117 -5.00 0.98 15.99
C ILE A 117 -5.50 2.41 15.92
N GLN A 118 -5.16 3.09 14.82
CA GLN A 118 -5.52 4.49 14.60
C GLN A 118 -5.76 4.75 13.13
N THR A 119 -6.65 5.69 12.83
CA THR A 119 -6.84 6.11 11.45
C THR A 119 -5.74 7.07 11.03
N ILE A 120 -5.51 7.14 9.72
CA ILE A 120 -4.59 8.10 9.13
C ILE A 120 -5.39 9.13 8.34
N ALA A 121 -5.01 10.39 8.44
CA ALA A 121 -5.72 11.47 7.76
C ALA A 121 -5.52 11.41 6.25
N LEU A 122 -6.58 11.76 5.51
CA LEU A 122 -6.49 11.96 4.07
C LEU A 122 -6.05 13.39 3.79
N PRO A 123 -5.41 13.62 2.64
CA PRO A 123 -5.08 14.99 2.24
C PRO A 123 -6.32 15.73 1.74
N SER A 124 -6.22 17.05 1.66
CA SER A 124 -7.24 17.83 0.96
C SER A 124 -6.92 17.78 -0.53
N MET A 125 -7.89 18.20 -1.34
CA MET A 125 -7.79 18.04 -2.80
C MET A 125 -6.54 18.70 -3.38
N TYR A 126 -5.78 17.89 -4.13
CA TYR A 126 -4.57 18.34 -4.83
C TYR A 126 -3.46 18.86 -3.91
N ASN A 127 -3.60 18.65 -2.60
CA ASN A 127 -2.62 19.15 -1.65
C ASN A 127 -1.58 18.08 -1.32
N ASP A 128 -0.44 18.16 -2.00
CA ASP A 128 0.67 17.24 -1.78
C ASP A 128 1.87 17.96 -1.20
N PRO A 129 2.82 17.18 -0.62
CA PRO A 129 4.08 17.80 -0.23
C PRO A 129 4.89 18.21 -1.45
N GLN A 130 5.86 19.08 -1.24
CA GLN A 130 6.75 19.53 -2.32
C GLN A 130 7.72 18.38 -2.66
N PHE A 131 8.17 18.33 -3.91
CA PHE A 131 9.19 17.34 -4.26
C PHE A 131 10.46 17.61 -3.43
N GLY A 132 11.14 16.53 -3.06
CA GLY A 132 12.26 16.61 -2.13
C GLY A 132 11.86 16.28 -0.70
N THR A 133 10.55 16.29 -0.41
CA THR A 133 10.03 15.99 0.92
C THR A 133 10.26 14.51 1.25
N SER A 134 10.63 14.24 2.49
CA SER A 134 10.79 12.88 2.97
C SER A 134 9.45 12.35 3.48
N CYS A 135 9.14 11.12 3.07
CA CYS A 135 7.91 10.43 3.48
C CYS A 135 8.25 9.01 3.85
N GLU A 136 7.36 8.34 4.56
CA GLU A 136 7.61 6.96 5.01
C GLU A 136 6.69 5.97 4.29
N ILE A 137 7.22 4.79 4.05
CA ILE A 137 6.43 3.67 3.58
C ILE A 137 6.57 2.54 4.58
N THR A 138 5.55 1.68 4.64
CA THR A 138 5.48 0.59 5.61
C THR A 138 4.98 -0.66 4.92
N GLY A 139 5.52 -1.81 5.28
CA GLY A 139 5.00 -3.05 4.71
C GLY A 139 5.74 -4.32 5.10
N PHE A 140 5.12 -5.44 4.70
CA PHE A 140 5.67 -6.77 4.89
C PHE A 140 6.29 -7.33 3.60
N GLY A 141 6.58 -6.47 2.63
CA GLY A 141 7.10 -6.93 1.34
C GLY A 141 8.53 -7.43 1.40
N LYS A 142 8.99 -7.97 0.28
CA LYS A 142 10.34 -8.54 0.18
C LYS A 142 11.43 -7.59 0.65
N GLU A 143 12.45 -8.14 1.29
CA GLU A 143 13.63 -7.37 1.71
C GLU A 143 14.73 -7.34 0.65
N GLN A 144 14.65 -8.28 -0.29
CA GLN A 144 15.54 -8.34 -1.44
C GLN A 144 14.74 -8.92 -2.59
N SER A 145 15.03 -8.48 -3.81
CA SER A 145 14.34 -8.99 -4.99
C SER A 145 14.46 -10.52 -5.15
N THR A 146 15.56 -11.07 -4.64
CA THR A 146 15.82 -12.51 -4.72
C THR A 146 15.11 -13.33 -3.65
N ASP A 147 14.49 -12.69 -2.66
CA ASP A 147 13.75 -13.42 -1.62
C ASP A 147 12.47 -14.00 -2.21
N TYR A 148 12.07 -15.18 -1.76
CA TYR A 148 10.76 -15.76 -2.14
C TYR A 148 9.78 -15.77 -0.98
N LEU A 149 10.26 -15.39 0.21
CA LEU A 149 9.43 -15.26 1.40
C LEU A 149 9.45 -13.82 1.88
N TYR A 150 8.40 -13.45 2.58
CA TYR A 150 8.28 -12.13 3.19
C TYR A 150 8.86 -12.14 4.61
N PRO A 151 9.32 -10.98 5.09
CA PRO A 151 9.82 -10.92 6.46
C PRO A 151 8.71 -11.10 7.48
N GLU A 152 9.05 -11.66 8.62
CA GLU A 152 8.08 -11.89 9.68
C GLU A 152 7.71 -10.63 10.43
N GLN A 153 8.64 -9.68 10.49
CA GLN A 153 8.42 -8.43 11.21
C GLN A 153 8.16 -7.30 10.23
N LEU A 154 7.21 -6.43 10.57
CA LEU A 154 6.87 -5.27 9.77
C LEU A 154 8.09 -4.37 9.57
N LYS A 155 8.18 -3.71 8.41
CA LYS A 155 9.28 -2.81 8.10
C LYS A 155 8.76 -1.44 7.69
N MET A 156 9.63 -0.44 7.82
CA MET A 156 9.38 0.88 7.27
C MET A 156 10.66 1.41 6.65
N THR A 157 10.52 2.41 5.79
CA THR A 157 11.67 3.18 5.37
C THR A 157 11.24 4.58 5.01
N VAL A 158 12.22 5.44 4.77
CA VAL A 158 11.98 6.81 4.38
C VAL A 158 12.52 7.03 2.98
N VAL A 159 11.70 7.62 2.13
CA VAL A 159 12.06 7.94 0.74
C VAL A 159 11.70 9.40 0.47
N LYS A 160 12.28 9.95 -0.59
CA LYS A 160 12.02 11.34 -0.96
C LYS A 160 11.15 11.40 -2.20
N LEU A 161 10.18 12.32 -2.19
CA LEU A 161 9.32 12.54 -3.35
C LEU A 161 10.11 13.13 -4.50
N ILE A 162 9.83 12.63 -5.70
CA ILE A 162 10.51 13.00 -6.92
C ILE A 162 9.53 13.77 -7.79
N SER A 163 9.98 14.83 -8.43
CA SER A 163 9.10 15.64 -9.28
C SER A 163 8.61 14.84 -10.48
N HIS A 164 7.44 15.22 -10.99
CA HIS A 164 6.89 14.64 -12.21
C HIS A 164 7.88 14.79 -13.37
N ARG A 165 8.50 15.96 -13.46
CA ARG A 165 9.48 16.23 -14.53
C ARG A 165 10.64 15.24 -14.50
N GLU A 166 11.16 14.99 -13.30
CA GLU A 166 12.26 14.04 -13.13
C GLU A 166 11.79 12.63 -13.45
N CYS A 167 10.63 12.23 -12.92
CA CYS A 167 10.17 10.86 -13.09
C CYS A 167 9.80 10.55 -14.55
N GLN A 168 9.52 11.59 -15.33
CA GLN A 168 9.20 11.44 -16.74
C GLN A 168 10.43 11.51 -17.66
N GLN A 169 11.62 11.54 -17.08
CA GLN A 169 12.83 11.50 -17.90
C GLN A 169 12.96 10.14 -18.59
N PRO A 170 13.61 10.10 -19.77
CA PRO A 170 13.67 8.85 -20.54
C PRO A 170 14.28 7.67 -19.77
N HIS A 171 15.26 7.95 -18.92
CA HIS A 171 15.91 6.88 -18.15
C HIS A 171 15.18 6.49 -16.90
N TYR A 172 14.19 7.32 -16.55
CA TYR A 172 13.27 6.99 -15.48
C TYR A 172 12.08 6.24 -16.11
N TYR A 173 10.90 6.83 -16.14
CA TYR A 173 9.72 6.14 -16.69
C TYR A 173 9.09 6.82 -17.91
N GLY A 174 9.69 7.90 -18.40
CA GLY A 174 9.11 8.61 -19.53
C GLY A 174 7.65 8.99 -19.30
N SER A 175 6.84 8.85 -20.33
CA SER A 175 5.43 9.23 -20.24
C SER A 175 4.54 8.16 -19.60
N GLU A 176 5.15 7.10 -19.09
CA GLU A 176 4.40 6.07 -18.38
C GLU A 176 3.88 6.57 -17.03
N VAL A 177 4.56 7.56 -16.46
CA VAL A 177 4.11 8.22 -15.24
C VAL A 177 3.17 9.36 -15.58
N THR A 178 2.05 9.45 -14.86
CA THR A 178 1.03 10.47 -15.09
C THR A 178 0.84 11.34 -13.84
N THR A 179 0.00 12.37 -13.96
CA THR A 179 -0.25 13.28 -12.84
C THR A 179 -1.10 12.68 -11.72
N LYS A 180 -1.66 11.49 -11.95
CA LYS A 180 -2.39 10.76 -10.90
C LYS A 180 -1.47 9.84 -10.11
N MET A 181 -0.17 9.96 -10.35
CA MET A 181 0.86 9.15 -9.71
C MET A 181 1.89 10.05 -9.03
N LEU A 182 2.54 9.50 -8.00
CA LEU A 182 3.67 10.13 -7.35
C LEU A 182 4.85 9.17 -7.35
N CYS A 183 6.04 9.69 -7.65
CA CYS A 183 7.26 8.92 -7.57
C CYS A 183 8.01 9.26 -6.30
N ALA A 184 8.65 8.26 -5.72
CA ALA A 184 9.49 8.44 -4.54
C ALA A 184 10.60 7.41 -4.55
N ALA A 185 11.78 7.82 -4.07
CA ALA A 185 12.93 6.93 -4.03
C ALA A 185 13.99 7.47 -3.09
N ASP A 186 15.01 6.65 -2.89
CA ASP A 186 16.20 7.01 -2.16
C ASP A 186 17.20 7.61 -3.15
N PRO A 187 17.76 8.80 -2.84
CA PRO A 187 18.76 9.38 -3.74
C PRO A 187 19.92 8.45 -4.13
N GLN A 188 20.29 7.55 -3.24
CA GLN A 188 21.35 6.56 -3.50
C GLN A 188 20.83 5.17 -3.89
N TRP A 189 19.51 5.04 -4.03
CA TRP A 189 18.89 3.82 -4.57
C TRP A 189 19.13 2.59 -3.68
N LYS A 190 19.16 2.80 -2.37
CA LYS A 190 19.47 1.72 -1.42
C LYS A 190 18.24 1.21 -0.69
N THR A 191 17.13 1.95 -0.75
CA THR A 191 15.93 1.57 -0.04
C THR A 191 14.71 1.89 -0.91
N ASP A 192 13.69 1.06 -0.81
CA ASP A 192 12.54 1.13 -1.73
C ASP A 192 11.45 0.17 -1.25
N SER A 193 10.25 0.32 -1.80
CA SER A 193 9.23 -0.71 -1.65
C SER A 193 9.56 -1.88 -2.60
N CYS A 194 8.94 -3.02 -2.36
CA CYS A 194 9.10 -4.18 -3.24
C CYS A 194 7.81 -5.01 -3.27
N GLN A 195 7.84 -6.12 -4.01
CA GLN A 195 6.70 -7.03 -4.07
C GLN A 195 6.23 -7.41 -2.66
N GLY A 196 4.93 -7.25 -2.42
CA GLY A 196 4.32 -7.50 -1.12
C GLY A 196 4.01 -6.24 -0.34
N ASP A 197 4.66 -5.13 -0.71
CA ASP A 197 4.38 -3.82 -0.11
C ASP A 197 3.21 -3.07 -0.76
N SER A 198 2.73 -3.54 -1.91
CA SER A 198 1.64 -2.87 -2.62
C SER A 198 0.43 -2.69 -1.72
N GLY A 199 -0.31 -1.61 -1.98
CA GLY A 199 -1.51 -1.30 -1.23
C GLY A 199 -1.23 -0.54 0.05
N GLY A 200 0.00 -0.60 0.55
CA GLY A 200 0.36 0.06 1.80
C GLY A 200 0.56 1.55 1.66
N PRO A 201 0.75 2.22 2.79
CA PRO A 201 0.80 3.67 2.84
C PRO A 201 2.14 4.30 2.48
N LEU A 202 2.06 5.42 1.76
CA LEU A 202 3.12 6.42 1.70
C LEU A 202 2.58 7.58 2.54
N VAL A 203 3.19 7.79 3.70
CA VAL A 203 2.72 8.78 4.65
C VAL A 203 3.72 9.93 4.71
N CYS A 204 3.21 11.15 4.60
CA CYS A 204 4.03 12.35 4.69
C CYS A 204 3.52 13.22 5.83
N SER A 205 4.45 13.78 6.59
CA SER A 205 4.11 14.78 7.61
C SER A 205 3.78 16.06 6.84
N LEU A 206 2.49 16.34 6.72
CA LEU A 206 2.01 17.36 5.80
C LEU A 206 1.33 18.44 6.62
N GLN A 207 2.00 19.58 6.74
CA GLN A 207 1.42 20.78 7.33
C GLN A 207 0.83 20.50 8.72
N GLY A 208 1.59 19.76 9.52
CA GLY A 208 1.24 19.47 10.92
C GLY A 208 0.60 18.12 11.19
N ARG A 209 0.20 17.41 10.13
CA ARG A 209 -0.58 16.18 10.28
C ARG A 209 0.02 15.04 9.46
N MET A 210 0.12 13.85 10.06
CA MET A 210 0.52 12.66 9.31
C MET A 210 -0.59 12.35 8.32
N THR A 211 -0.23 12.26 7.04
CA THR A 211 -1.21 12.23 5.96
C THR A 211 -0.91 11.12 4.96
N LEU A 212 -1.94 10.40 4.56
CA LEU A 212 -1.83 9.37 3.52
C LEU A 212 -1.73 10.04 2.14
N THR A 213 -0.50 10.20 1.68
CA THR A 213 -0.21 10.89 0.43
C THR A 213 -0.24 9.94 -0.75
N GLY A 214 0.21 8.71 -0.52
CA GLY A 214 0.26 7.73 -1.59
C GLY A 214 -0.09 6.33 -1.16
N ILE A 215 -0.39 5.49 -2.15
CA ILE A 215 -0.59 4.06 -1.97
C ILE A 215 0.42 3.35 -2.86
N VAL A 216 1.17 2.41 -2.30
CA VAL A 216 2.19 1.68 -3.07
C VAL A 216 1.54 1.00 -4.24
N SER A 217 2.01 1.28 -5.46
CA SER A 217 1.37 0.77 -6.68
C SER A 217 2.26 -0.03 -7.61
N TRP A 218 3.36 0.56 -8.07
CA TRP A 218 4.19 -0.09 -9.08
C TRP A 218 5.63 0.39 -9.09
N GLY A 219 6.43 -0.20 -9.96
CA GLY A 219 7.83 0.18 -10.10
C GLY A 219 8.60 -0.91 -10.81
N ARG A 220 9.64 -0.51 -11.54
CA ARG A 220 10.51 -1.45 -12.24
C ARG A 220 11.49 -2.06 -11.24
N GLY A 221 11.38 -3.37 -10.99
CA GLY A 221 12.24 -4.02 -10.02
C GLY A 221 12.10 -3.40 -8.65
N CYS A 222 13.13 -3.49 -7.83
CA CYS A 222 13.11 -2.89 -6.49
C CYS A 222 14.47 -2.29 -6.19
N ALA A 223 14.49 -1.03 -5.78
CA ALA A 223 15.72 -0.30 -5.46
C ALA A 223 16.72 -0.31 -6.61
N LEU A 224 16.21 -0.17 -7.83
CA LEU A 224 17.07 -0.06 -9.00
C LEU A 224 17.34 1.40 -9.32
N LYS A 225 18.56 1.69 -9.79
CA LYS A 225 18.96 3.04 -10.16
C LYS A 225 18.00 3.60 -11.21
N ASP A 226 17.53 4.83 -10.97
CA ASP A 226 16.64 5.58 -11.87
C ASP A 226 15.25 4.97 -12.05
N LYS A 227 14.86 4.09 -11.13
CA LYS A 227 13.56 3.42 -11.21
C LYS A 227 12.84 3.58 -9.87
N PRO A 228 12.23 4.76 -9.63
CA PRO A 228 11.54 4.99 -8.38
C PRO A 228 10.35 4.08 -8.14
N GLY A 229 9.92 4.02 -6.89
CA GLY A 229 8.60 3.50 -6.57
C GLY A 229 7.56 4.49 -7.08
N VAL A 230 6.44 3.96 -7.56
CA VAL A 230 5.34 4.80 -8.01
C VAL A 230 4.11 4.50 -7.17
N TYR A 231 3.41 5.57 -6.81
CA TYR A 231 2.36 5.55 -5.81
C TYR A 231 1.12 6.20 -6.39
N THR A 232 -0.04 5.62 -6.08
CA THR A 232 -1.32 6.27 -6.42
C THR A 232 -1.40 7.58 -5.63
N ARG A 233 -1.63 8.67 -6.33
CA ARG A 233 -1.69 10.01 -5.73
C ARG A 233 -3.05 10.22 -5.08
N VAL A 234 -3.13 9.99 -3.77
CA VAL A 234 -4.40 9.95 -3.06
C VAL A 234 -5.18 11.27 -3.20
N SER A 235 -4.46 12.39 -3.18
CA SER A 235 -5.10 13.71 -3.32
C SER A 235 -5.81 13.95 -4.66
N HIS A 236 -5.63 13.06 -5.63
CA HIS A 236 -6.34 13.13 -6.91
C HIS A 236 -7.50 12.15 -7.02
N PHE A 237 -7.81 11.44 -5.92
CA PHE A 237 -8.87 10.43 -5.90
C PHE A 237 -9.90 10.68 -4.80
N LEU A 238 -9.91 11.88 -4.23
CA LEU A 238 -10.79 12.16 -3.08
C LEU A 238 -12.29 12.05 -3.42
N PRO A 239 -12.72 12.52 -4.60
CA PRO A 239 -14.12 12.32 -4.95
C PRO A 239 -14.52 10.85 -4.99
N TRP A 240 -13.66 10.01 -5.57
CA TRP A 240 -13.91 8.58 -5.63
C TRP A 240 -13.96 7.96 -4.24
N ILE A 241 -13.02 8.34 -3.38
CA ILE A 241 -12.97 7.83 -2.01
C ILE A 241 -14.21 8.26 -1.23
N ARG A 242 -14.50 9.56 -1.28
CA ARG A 242 -15.63 10.11 -0.55
C ARG A 242 -16.95 9.51 -1.01
N SER A 243 -17.08 9.29 -2.32
CA SER A 243 -18.32 8.78 -2.91
C SER A 243 -18.55 7.31 -2.56
N HIS A 244 -17.49 6.49 -2.65
CA HIS A 244 -17.62 5.07 -2.34
C HIS A 244 -17.59 4.83 -0.83
N THR A 245 -17.12 5.85 -0.13
CA THR A 245 -17.35 6.09 1.31
C THR A 245 -16.03 6.18 2.07
N GLN B 1 8.78 -10.21 -20.52
CA GLN B 1 9.38 -9.46 -19.38
C GLN B 1 8.51 -9.58 -18.17
N CYS B 2 9.14 -9.51 -17.02
CA CYS B 2 8.43 -9.58 -15.76
C CYS B 2 9.10 -8.55 -14.88
N TRP B 3 8.72 -7.30 -15.09
CA TRP B 3 9.41 -6.12 -14.61
C TRP B 3 8.82 -5.45 -13.42
N ASP B 4 7.54 -5.69 -13.19
CA ASP B 4 6.76 -4.91 -12.28
C ASP B 4 6.70 -5.52 -10.88
N ARG B 5 7.09 -4.73 -9.89
CA ARG B 5 7.06 -5.17 -8.49
C ARG B 5 5.64 -5.42 -7.97
N GLY B 6 4.67 -4.68 -8.50
CA GLY B 6 3.29 -4.78 -8.02
C GLY B 6 2.50 -5.89 -8.69
N CYS B 7 2.90 -7.12 -8.42
CA CYS B 7 2.30 -8.30 -9.05
C CYS B 7 1.82 -9.34 -8.04
N GLU B 8 1.43 -8.87 -6.86
CA GLU B 8 0.93 -9.72 -5.77
C GLU B 8 -0.39 -10.37 -6.15
N ASN B 9 -0.59 -11.61 -5.72
CA ASN B 9 -1.90 -12.26 -5.77
C ASN B 9 -2.49 -12.35 -7.19
N ARG B 10 -1.64 -12.71 -8.14
CA ARG B 10 -2.04 -12.87 -9.54
C ARG B 10 -2.24 -14.34 -9.89
N LYS B 11 -3.06 -14.59 -10.92
CA LYS B 11 -3.26 -15.93 -11.46
C LYS B 11 -2.06 -16.44 -12.27
N CYS B 12 -1.52 -15.56 -13.12
CA CYS B 12 -0.49 -15.88 -14.12
C CYS B 12 -0.94 -17.01 -15.04
N ASN B 13 -2.06 -16.76 -15.70
CA ASN B 13 -2.73 -17.64 -16.69
C ASN B 13 -4.15 -17.96 -16.23
#